data_4B1Y
#
_entry.id   4B1Y
#
_cell.length_a   52.580
_cell.length_b   63.560
_cell.length_c   62.570
_cell.angle_alpha   90.00
_cell.angle_beta   108.83
_cell.angle_gamma   90.00
#
_symmetry.space_group_name_H-M   'P 1 21 1'
#
loop_
_entity.id
_entity.type
_entity.pdbx_description
1 polymer 'ACTIN, ALPHA SKELETAL MUSCLE'
2 polymer 'PHOSPHATASE AND ACTIN REGULATOR 1'
3 non-polymer 'LATRUNCULIN B'
4 non-polymer "ADENOSINE-5'-TRIPHOSPHATE"
5 non-polymer 'MAGNESIUM ION'
6 non-polymer 'PENTAETHYLENE GLYCOL'
7 non-polymer GLYCEROL
8 non-polymer DI(HYDROXYETHYL)ETHER
9 non-polymer 'HEXAETHYLENE GLYCOL'
10 water water
#
loop_
_entity_poly.entity_id
_entity_poly.type
_entity_poly.pdbx_seq_one_letter_code
_entity_poly.pdbx_strand_id
1 'polypeptide(L)'
;CDEDETTALVCDNGSGLVKAGFAGDDAPRAVFPSIVGRPRHQGVMVGMGQKDSYVGDEAQSKRGILTLKYPIEHGIITNW
DDMEKIWHHTFYNELRVAPEEHPTLLTEAPLNPKANREKMTQIMFETFNVPAMYVAIQAVLSLYASGRTTGIVLDSGDGV
THNVPIYEGYALPHAIMRLDLAGRDLTDYLMKILTERGYSFVTTAEREIVRDIKEKLCYVALDFENEMATAASSSSLEKS
YELPDGQVITIGNERFRCPETLFQPSFIGMESAGIHETTYNSIMKCDIDIRKDLYANNVMSGGTTMYPGIADRMQKEITA
LAPSTMKIKIIAPPERKYSVWIGGSILASLSTFQQMWITKQEYDEAGPSIVHRKCF
;
B
2 'polypeptide(L)' KREIKRRLTRKLSQRPTVEELRERKILIRFSD M
#
# COMPACT_ATOMS: atom_id res chain seq x y z
N ASP A 2 -25.07 5.96 -6.27
N ASP A 2 -26.09 7.42 -4.80
CA ASP A 2 -26.22 5.98 -5.38
CA ASP A 2 -26.13 6.06 -5.33
C ASP A 2 -26.06 4.99 -4.22
C ASP A 2 -26.04 5.03 -4.21
N GLU A 3 -24.92 4.32 -4.17
CA GLU A 3 -24.64 3.32 -3.14
C GLU A 3 -25.68 2.19 -3.12
N ASP A 4 -26.23 1.87 -4.29
CA ASP A 4 -27.28 0.84 -4.38
C ASP A 4 -26.69 -0.52 -4.76
N GLU A 5 -27.55 -1.43 -5.19
CA GLU A 5 -27.11 -2.80 -5.46
C GLU A 5 -26.24 -2.92 -6.69
N THR A 6 -26.21 -1.87 -7.53
CA THR A 6 -25.33 -1.85 -8.69
C THR A 6 -23.92 -1.37 -8.33
N THR A 7 -23.72 -0.98 -7.08
CA THR A 7 -22.45 -0.41 -6.65
C THR A 7 -21.63 -1.38 -5.83
N ALA A 8 -20.41 -1.63 -6.28
CA ALA A 8 -19.50 -2.48 -5.54
C ALA A 8 -18.81 -1.70 -4.42
N LEU A 9 -18.34 -2.44 -3.42
CA LEU A 9 -17.57 -1.87 -2.32
C LEU A 9 -16.11 -2.23 -2.52
N VAL A 10 -15.22 -1.37 -2.03
CA VAL A 10 -13.78 -1.59 -2.10
C VAL A 10 -13.18 -1.36 -0.72
N CYS A 11 -12.50 -2.37 -0.20
CA CYS A 11 -11.88 -2.28 1.11
CA CYS A 11 -11.88 -2.28 1.11
C CYS A 11 -10.41 -2.67 1.02
N ASP A 12 -9.53 -1.71 1.28
CA ASP A 12 -8.08 -1.92 1.31
C ASP A 12 -7.63 -2.08 2.75
N ASN A 13 -7.24 -3.31 3.08
CA ASN A 13 -6.92 -3.75 4.44
C ASN A 13 -5.47 -3.45 4.81
N GLY A 14 -5.16 -2.21 5.20
CA GLY A 14 -3.78 -1.85 5.48
C GLY A 14 -3.32 -2.23 6.88
N SER A 15 -2.01 -2.42 7.06
CA SER A 15 -1.45 -2.65 8.39
C SER A 15 -1.74 -1.49 9.32
N GLY A 16 -1.78 -0.28 8.76
CA GLY A 16 -2.01 0.90 9.55
C GLY A 16 -3.40 1.49 9.38
N LEU A 17 -3.84 1.60 8.13
CA LEU A 17 -5.14 2.24 7.85
C LEU A 17 -5.99 1.39 6.96
N VAL A 18 -7.27 1.32 7.31
CA VAL A 18 -8.27 0.77 6.40
C VAL A 18 -8.75 1.91 5.51
N LYS A 19 -8.75 1.69 4.20
CA LYS A 19 -9.35 2.63 3.26
C LYS A 19 -10.55 1.91 2.65
N ALA A 20 -11.74 2.49 2.73
CA ALA A 20 -12.93 1.78 2.27
C ALA A 20 -13.86 2.76 1.59
N GLY A 21 -14.69 2.26 0.67
CA GLY A 21 -15.62 3.14 -0.01
C GLY A 21 -16.33 2.42 -1.12
N PHE A 22 -16.85 3.21 -2.06
CA PHE A 22 -17.73 2.72 -3.10
C PHE A 22 -17.04 2.77 -4.44
N ALA A 23 -17.08 1.67 -5.19
CA ALA A 23 -16.49 1.65 -6.52
C ALA A 23 -17.13 2.70 -7.38
N GLY A 24 -16.31 3.43 -8.14
CA GLY A 24 -16.81 4.54 -8.93
C GLY A 24 -16.50 5.88 -8.29
N ASP A 25 -16.29 5.91 -6.98
CA ASP A 25 -15.90 7.15 -6.31
C ASP A 25 -14.42 7.43 -6.54
N ASP A 26 -14.04 8.71 -6.52
CA ASP A 26 -12.65 9.09 -6.74
C ASP A 26 -11.75 8.93 -5.51
N ALA A 27 -12.35 8.78 -4.34
CA ALA A 27 -11.57 8.72 -3.10
C ALA A 27 -12.30 7.82 -2.11
N PRO A 28 -11.56 7.21 -1.17
CA PRO A 28 -12.25 6.39 -0.17
C PRO A 28 -13.15 7.24 0.71
N ARG A 29 -14.31 6.71 1.05
CA ARG A 29 -15.27 7.40 1.89
C ARG A 29 -14.81 7.37 3.35
N ALA A 30 -14.12 6.31 3.72
CA ALA A 30 -13.69 6.10 5.10
C ALA A 30 -12.22 5.73 5.15
N VAL A 31 -11.47 6.41 6.01
CA VAL A 31 -10.07 6.06 6.27
C VAL A 31 -9.88 6.08 7.77
N PHE A 32 -9.54 4.92 8.34
CA PHE A 32 -9.51 4.81 9.79
C PHE A 32 -8.44 3.82 10.24
N PRO A 33 -7.96 3.96 11.49
CA PRO A 33 -6.86 3.12 11.92
C PRO A 33 -7.26 1.66 12.05
N SER A 34 -6.37 0.79 11.60
CA SER A 34 -6.61 -0.65 11.60
CA SER A 34 -6.59 -0.64 11.59
C SER A 34 -6.33 -1.23 12.97
N ILE A 35 -7.17 -0.87 13.93
CA ILE A 35 -7.00 -1.30 15.30
C ILE A 35 -8.32 -1.72 15.89
N VAL A 36 -8.23 -2.63 16.85
CA VAL A 36 -9.40 -3.07 17.59
CA VAL A 36 -9.40 -3.05 17.58
C VAL A 36 -9.08 -2.97 19.06
N GLY A 37 -10.03 -2.43 19.82
CA GLY A 37 -9.84 -2.29 21.26
C GLY A 37 -10.82 -3.15 22.03
N ARG A 38 -10.30 -3.85 23.04
CA ARG A 38 -11.10 -4.68 23.94
C ARG A 38 -10.81 -4.28 25.39
N PRO A 39 -11.79 -4.52 26.30
CA PRO A 39 -11.68 -4.12 27.70
C PRO A 39 -10.36 -4.52 28.38
N ARG A 40 -9.78 -3.59 29.12
CA ARG A 40 -8.57 -3.88 29.91
C ARG A 40 -8.86 -4.90 31.00
N HIS A 41 -7.80 -5.58 31.45
CA HIS A 41 -7.87 -6.57 32.53
C HIS A 41 -8.86 -7.69 32.21
N SER A 53 -16.36 -4.69 22.11
CA SER A 53 -15.16 -4.27 21.39
C SER A 53 -15.42 -3.00 20.59
N TYR A 54 -14.35 -2.29 20.26
CA TYR A 54 -14.44 -1.07 19.49
C TYR A 54 -13.38 -1.09 18.39
N VAL A 55 -13.62 -0.36 17.33
CA VAL A 55 -12.76 -0.40 16.16
C VAL A 55 -12.39 1.01 15.76
N GLY A 56 -11.19 1.18 15.23
CA GLY A 56 -10.80 2.43 14.59
C GLY A 56 -10.75 3.62 15.50
N ASP A 57 -11.29 4.75 15.03
CA ASP A 57 -11.22 5.98 15.80
C ASP A 57 -11.90 5.88 17.16
N GLU A 58 -13.00 5.13 17.25
CA GLU A 58 -13.67 5.00 18.54
C GLU A 58 -12.82 4.20 19.53
N ALA A 59 -12.10 3.20 19.01
CA ALA A 59 -11.20 2.41 19.84
C ALA A 59 -10.11 3.30 20.41
N GLN A 60 -9.52 4.15 19.57
CA GLN A 60 -8.50 5.10 20.02
C GLN A 60 -9.04 6.11 21.02
N SER A 61 -10.25 6.62 20.79
CA SER A 61 -10.85 7.58 21.70
CA SER A 61 -10.86 7.58 21.69
C SER A 61 -11.10 6.97 23.08
N LYS A 62 -11.37 5.67 23.11
CA LYS A 62 -11.63 4.97 24.36
C LYS A 62 -10.41 4.17 24.84
N ARG A 63 -9.24 4.55 24.36
CA ARG A 63 -8.00 3.83 24.69
C ARG A 63 -7.76 3.69 26.20
N GLY A 64 -8.30 4.62 26.99
CA GLY A 64 -8.12 4.60 28.43
C GLY A 64 -8.80 3.44 29.15
N ILE A 65 -9.77 2.81 28.48
CA ILE A 65 -10.46 1.68 29.08
C ILE A 65 -10.31 0.40 28.25
N LEU A 66 -9.50 0.48 27.19
CA LEU A 66 -9.32 -0.63 26.28
C LEU A 66 -7.84 -1.00 26.15
N THR A 67 -7.59 -2.21 25.64
CA THR A 67 -6.28 -2.58 25.13
C THR A 67 -6.40 -2.74 23.62
N LEU A 68 -5.45 -2.16 22.87
CA LEU A 68 -5.52 -2.06 21.42
C LEU A 68 -4.59 -3.04 20.72
N LYS A 69 -5.04 -3.59 19.59
CA LYS A 69 -4.27 -4.51 18.77
C LYS A 69 -4.38 -4.17 17.28
N TYR A 70 -3.33 -4.46 16.53
CA TYR A 70 -3.31 -4.37 15.06
C TYR A 70 -3.56 -5.76 14.45
N PRO A 71 -4.71 -5.98 13.81
CA PRO A 71 -4.98 -7.31 13.26
C PRO A 71 -4.21 -7.67 12.00
N ILE A 72 -3.60 -6.67 11.35
CA ILE A 72 -2.86 -6.89 10.12
C ILE A 72 -1.41 -6.51 10.36
N GLU A 73 -0.49 -7.45 10.10
CA GLU A 73 0.93 -7.29 10.37
C GLU A 73 1.73 -7.48 9.10
N HIS A 74 2.52 -6.47 8.75
CA HIS A 74 3.26 -6.47 7.50
C HIS A 74 2.40 -6.83 6.32
N GLY A 75 1.16 -6.33 6.32
CA GLY A 75 0.25 -6.49 5.20
C GLY A 75 -0.55 -7.78 5.23
N ILE A 76 -0.28 -8.65 6.20
CA ILE A 76 -0.92 -9.97 6.30
CA ILE A 76 -0.95 -9.95 6.27
C ILE A 76 -1.93 -9.97 7.44
N ILE A 77 -3.17 -10.36 7.15
CA ILE A 77 -4.15 -10.49 8.22
C ILE A 77 -3.70 -11.63 9.12
N THR A 78 -3.56 -11.35 10.42
CA THR A 78 -3.07 -12.37 11.35
CA THR A 78 -3.05 -12.35 11.36
C THR A 78 -4.05 -12.66 12.48
N ASN A 79 -4.89 -11.69 12.82
CA ASN A 79 -5.91 -11.92 13.85
C ASN A 79 -7.29 -11.87 13.20
N TRP A 80 -7.86 -13.05 12.96
CA TRP A 80 -9.08 -13.15 12.17
C TRP A 80 -10.31 -12.67 12.91
N ASP A 81 -10.41 -12.93 14.21
CA ASP A 81 -11.59 -12.46 14.93
C ASP A 81 -11.62 -10.93 14.94
N ASP A 82 -10.46 -10.33 15.16
CA ASP A 82 -10.41 -8.87 15.13
C ASP A 82 -10.63 -8.33 13.72
N MET A 83 -10.15 -9.04 12.70
CA MET A 83 -10.43 -8.61 11.34
C MET A 83 -11.90 -8.66 11.01
N GLU A 84 -12.64 -9.66 11.51
CA GLU A 84 -14.07 -9.67 11.27
CA GLU A 84 -14.08 -9.69 11.31
C GLU A 84 -14.73 -8.46 11.93
N LYS A 85 -14.23 -8.05 13.10
CA LYS A 85 -14.73 -6.84 13.75
C LYS A 85 -14.44 -5.61 12.90
N ILE A 86 -13.24 -5.54 12.33
CA ILE A 86 -12.93 -4.43 11.43
C ILE A 86 -13.86 -4.38 10.23
N TRP A 87 -14.11 -5.54 9.61
CA TRP A 87 -14.99 -5.55 8.45
C TRP A 87 -16.43 -5.20 8.82
N HIS A 88 -16.92 -5.71 9.95
CA HIS A 88 -18.25 -5.35 10.40
C HIS A 88 -18.36 -3.83 10.61
N HIS A 89 -17.35 -3.25 11.24
CA HIS A 89 -17.32 -1.82 11.48
C HIS A 89 -17.30 -1.06 10.16
N THR A 90 -16.50 -1.53 9.22
CA THR A 90 -16.39 -0.91 7.92
C THR A 90 -17.75 -0.85 7.24
N PHE A 91 -18.46 -1.98 7.18
CA PHE A 91 -19.75 -2.00 6.49
C PHE A 91 -20.83 -1.24 7.23
N TYR A 92 -20.97 -1.53 8.52
N TYR A 92 -21.01 -1.55 8.51
CA TYR A 92 -22.16 -1.12 9.27
CA TYR A 92 -22.17 -1.04 9.23
C TYR A 92 -22.06 0.25 9.97
C TYR A 92 -21.99 0.40 9.68
N ASN A 93 -20.83 0.70 10.24
CA ASN A 93 -20.60 2.03 10.83
C ASN A 93 -20.03 3.05 9.84
N GLU A 94 -19.01 2.65 9.09
CA GLU A 94 -18.28 3.61 8.26
C GLU A 94 -18.98 3.88 6.94
N LEU A 95 -19.39 2.82 6.25
CA LEU A 95 -20.01 2.95 4.93
C LEU A 95 -21.54 2.97 4.99
N ARG A 96 -22.10 2.50 6.10
CA ARG A 96 -23.56 2.39 6.26
C ARG A 96 -24.18 1.62 5.09
N VAL A 97 -23.76 0.38 4.92
CA VAL A 97 -24.28 -0.51 3.88
C VAL A 97 -24.66 -1.84 4.47
N ALA A 98 -25.46 -2.58 3.71
CA ALA A 98 -25.70 -4.00 3.97
C ALA A 98 -24.80 -4.77 3.03
N PRO A 99 -23.82 -5.52 3.56
CA PRO A 99 -22.87 -6.17 2.64
C PRO A 99 -23.53 -7.18 1.71
N GLU A 100 -24.67 -7.73 2.09
CA GLU A 100 -25.40 -8.67 1.24
C GLU A 100 -25.90 -8.00 -0.03
N GLU A 101 -25.82 -6.68 -0.08
CA GLU A 101 -26.32 -5.93 -1.23
C GLU A 101 -25.26 -5.48 -2.23
N HIS A 102 -23.99 -5.86 -2.02
CA HIS A 102 -22.91 -5.32 -2.86
C HIS A 102 -21.79 -6.30 -3.13
N PRO A 103 -21.39 -6.45 -4.40
CA PRO A 103 -20.11 -7.12 -4.66
C PRO A 103 -19.01 -6.38 -3.91
N THR A 104 -18.08 -7.12 -3.32
CA THR A 104 -17.08 -6.53 -2.45
C THR A 104 -15.69 -6.91 -2.90
N LEU A 105 -14.88 -5.91 -3.22
CA LEU A 105 -13.47 -6.14 -3.56
CA LEU A 105 -13.48 -6.11 -3.56
C LEU A 105 -12.60 -5.87 -2.34
N LEU A 106 -11.84 -6.90 -1.97
CA LEU A 106 -10.86 -6.80 -0.89
C LEU A 106 -9.46 -6.77 -1.49
N THR A 107 -8.53 -6.13 -0.80
CA THR A 107 -7.14 -6.15 -1.27
C THR A 107 -6.33 -7.11 -0.42
N GLU A 108 -5.21 -7.55 -0.97
CA GLU A 108 -4.27 -8.42 -0.28
C GLU A 108 -2.85 -8.00 -0.59
N ALA A 109 -1.93 -8.37 0.29
CA ALA A 109 -0.54 -8.08 0.04
C ALA A 109 0.00 -9.04 -1.00
N PRO A 110 1.02 -8.61 -1.74
CA PRO A 110 1.74 -9.52 -2.64
C PRO A 110 2.21 -10.77 -1.89
N LEU A 111 2.14 -11.92 -2.54
CA LEU A 111 2.53 -13.21 -1.96
C LEU A 111 1.69 -13.66 -0.76
N ASN A 112 0.49 -13.09 -0.62
CA ASN A 112 -0.44 -13.54 0.41
C ASN A 112 -0.65 -15.05 0.32
N PRO A 113 -0.46 -15.78 1.45
CA PRO A 113 -0.60 -17.24 1.37
C PRO A 113 -1.98 -17.72 0.94
N LYS A 114 -1.99 -18.89 0.32
CA LYS A 114 -3.21 -19.55 -0.13
C LYS A 114 -4.27 -19.64 0.96
N ALA A 115 -3.88 -20.05 2.16
CA ALA A 115 -4.85 -20.23 3.24
C ALA A 115 -5.47 -18.91 3.65
N ASN A 116 -4.69 -17.83 3.55
CA ASN A 116 -5.15 -16.52 3.95
CA ASN A 116 -5.16 -16.52 3.96
C ASN A 116 -6.24 -16.01 3.00
N ARG A 117 -5.97 -16.11 1.70
CA ARG A 117 -6.96 -15.63 0.74
C ARG A 117 -8.21 -16.50 0.74
N GLU A 118 -8.06 -17.79 1.05
CA GLU A 118 -9.23 -18.64 1.19
C GLU A 118 -10.06 -18.19 2.36
N LYS A 119 -9.43 -17.86 3.49
CA LYS A 119 -10.18 -17.43 4.66
C LYS A 119 -10.89 -16.11 4.44
N MET A 120 -10.24 -15.18 3.75
CA MET A 120 -10.89 -13.91 3.40
CA MET A 120 -10.91 -13.91 3.42
C MET A 120 -12.18 -14.19 2.62
N THR A 121 -12.07 -15.08 1.64
CA THR A 121 -13.19 -15.47 0.81
C THR A 121 -14.31 -16.11 1.63
N GLN A 122 -13.95 -17.06 2.47
CA GLN A 122 -14.90 -17.73 3.34
C GLN A 122 -15.66 -16.74 4.22
N ILE A 123 -14.94 -15.80 4.81
CA ILE A 123 -15.60 -14.86 5.72
C ILE A 123 -16.57 -13.94 4.98
N MET A 124 -16.16 -13.43 3.83
CA MET A 124 -17.05 -12.57 3.07
C MET A 124 -18.38 -13.25 2.74
N PHE A 125 -18.33 -14.52 2.32
CA PHE A 125 -19.54 -15.23 1.97
C PHE A 125 -20.33 -15.75 3.18
N GLU A 126 -19.62 -16.34 4.13
CA GLU A 126 -20.30 -17.03 5.23
CA GLU A 126 -20.25 -17.04 5.25
C GLU A 126 -20.69 -16.11 6.39
N THR A 127 -19.88 -15.10 6.67
CA THR A 127 -20.25 -14.12 7.70
C THR A 127 -21.06 -12.98 7.10
N PHE A 128 -20.59 -12.43 5.99
CA PHE A 128 -21.20 -11.19 5.48
C PHE A 128 -22.21 -11.41 4.35
N ASN A 129 -22.28 -12.63 3.84
CA ASN A 129 -23.29 -12.98 2.83
C ASN A 129 -23.22 -12.06 1.60
N VAL A 130 -22.02 -11.68 1.20
CA VAL A 130 -21.88 -10.85 0.01
C VAL A 130 -22.39 -11.60 -1.23
N PRO A 131 -22.92 -10.88 -2.21
CA PRO A 131 -23.43 -11.56 -3.41
C PRO A 131 -22.27 -11.95 -4.33
N ALA A 132 -21.12 -11.31 -4.15
CA ALA A 132 -19.97 -11.50 -5.02
C ALA A 132 -18.77 -10.87 -4.34
N MET A 133 -17.58 -11.35 -4.67
CA MET A 133 -16.38 -10.73 -4.14
CA MET A 133 -16.36 -10.92 -4.02
C MET A 133 -15.16 -11.08 -4.96
N TYR A 134 -14.08 -10.34 -4.69
CA TYR A 134 -12.84 -10.54 -5.40
C TYR A 134 -11.70 -10.12 -4.49
N VAL A 135 -10.54 -10.75 -4.65
CA VAL A 135 -9.36 -10.36 -3.90
C VAL A 135 -8.30 -9.94 -4.90
N ALA A 136 -7.85 -8.69 -4.81
CA ALA A 136 -6.81 -8.15 -5.71
C ALA A 136 -5.54 -7.78 -4.95
N ILE A 137 -4.40 -8.00 -5.59
CA ILE A 137 -3.12 -7.59 -5.04
C ILE A 137 -3.03 -6.07 -5.00
N GLN A 138 -2.65 -5.53 -3.85
CA GLN A 138 -2.59 -4.09 -3.66
C GLN A 138 -1.77 -3.38 -4.75
N ALA A 139 -0.56 -3.86 -5.02
CA ALA A 139 0.29 -3.22 -6.00
C ALA A 139 -0.30 -3.22 -7.40
N VAL A 140 -1.03 -4.28 -7.76
CA VAL A 140 -1.65 -4.34 -9.07
CA VAL A 140 -1.62 -4.31 -9.09
C VAL A 140 -2.71 -3.24 -9.20
N LEU A 141 -3.49 -3.04 -8.14
CA LEU A 141 -4.47 -1.96 -8.14
C LEU A 141 -3.83 -0.58 -8.35
N SER A 142 -2.67 -0.35 -7.72
N SER A 142 -2.68 -0.33 -7.72
CA SER A 142 -1.98 0.93 -7.89
CA SER A 142 -2.04 0.98 -7.90
C SER A 142 -1.57 1.15 -9.32
C SER A 142 -1.52 1.17 -9.32
N LEU A 143 -1.10 0.09 -9.96
CA LEU A 143 -0.75 0.18 -11.38
C LEU A 143 -1.98 0.53 -12.22
N TYR A 144 -3.09 -0.15 -11.95
CA TYR A 144 -4.34 0.10 -12.68
C TYR A 144 -4.80 1.54 -12.49
N ALA A 145 -4.56 2.11 -11.30
CA ALA A 145 -4.99 3.48 -11.01
C ALA A 145 -4.31 4.47 -11.95
N SER A 146 -3.16 4.10 -12.49
CA SER A 146 -2.43 4.96 -13.43
CA SER A 146 -2.44 4.95 -13.43
C SER A 146 -2.81 4.63 -14.87
N GLY A 147 -3.77 3.74 -15.06
CA GLY A 147 -4.20 3.36 -16.40
C GLY A 147 -3.28 2.40 -17.13
N ARG A 148 -2.46 1.67 -16.37
CA ARG A 148 -1.50 0.75 -16.96
C ARG A 148 -1.81 -0.66 -16.54
N THR A 149 -1.37 -1.61 -17.37
CA THR A 149 -1.39 -3.02 -16.98
C THR A 149 -0.01 -3.63 -16.94
N THR A 150 1.00 -2.87 -17.35
CA THR A 150 2.40 -3.32 -17.24
C THR A 150 3.26 -2.28 -16.55
N GLY A 151 4.07 -2.72 -15.60
CA GLY A 151 4.98 -1.81 -14.95
C GLY A 151 5.51 -2.47 -13.69
N ILE A 152 6.34 -1.76 -12.95
CA ILE A 152 6.80 -2.28 -11.67
C ILE A 152 6.41 -1.28 -10.58
N VAL A 153 5.74 -1.79 -9.56
CA VAL A 153 5.23 -0.95 -8.50
C VAL A 153 6.11 -1.06 -7.26
N LEU A 154 6.41 0.09 -6.67
CA LEU A 154 6.95 0.15 -5.32
CA LEU A 154 6.95 0.13 -5.32
C LEU A 154 5.82 0.59 -4.42
N ASP A 155 5.32 -0.32 -3.57
CA ASP A 155 4.25 0.03 -2.66
C ASP A 155 4.82 0.03 -1.25
N SER A 156 4.91 1.21 -0.63
CA SER A 156 5.42 1.30 0.72
C SER A 156 4.36 1.89 1.62
N GLY A 157 3.91 1.09 2.59
CA GLY A 157 2.84 1.55 3.45
C GLY A 157 3.30 1.78 4.87
N ASP A 158 2.49 1.34 5.83
CA ASP A 158 2.82 1.48 7.25
C ASP A 158 3.57 0.26 7.76
N GLY A 159 3.25 -0.90 7.22
CA GLY A 159 3.79 -2.15 7.73
C GLY A 159 4.75 -2.91 6.82
N VAL A 160 4.70 -2.65 5.52
CA VAL A 160 5.53 -3.44 4.63
C VAL A 160 5.78 -2.65 3.34
N THR A 161 6.89 -2.97 2.70
CA THR A 161 7.22 -2.41 1.39
C THR A 161 7.43 -3.56 0.39
N HIS A 162 6.83 -3.45 -0.79
CA HIS A 162 7.02 -4.45 -1.82
C HIS A 162 7.42 -3.84 -3.15
N ASN A 163 8.25 -4.55 -3.90
N ASN A 163 8.22 -4.59 -3.89
CA ASN A 163 8.47 -4.26 -5.31
CA ASN A 163 8.41 -4.34 -5.31
C ASN A 163 7.73 -5.35 -6.08
C ASN A 163 7.68 -5.40 -6.07
N VAL A 164 6.79 -4.97 -6.95
CA VAL A 164 5.96 -5.92 -7.67
C VAL A 164 5.96 -5.64 -9.17
N PRO A 165 6.66 -6.49 -9.94
CA PRO A 165 6.60 -6.37 -11.39
C PRO A 165 5.33 -7.03 -11.90
N ILE A 166 4.72 -6.39 -12.88
CA ILE A 166 3.41 -6.77 -13.37
C ILE A 166 3.42 -6.67 -14.88
N TYR A 167 2.96 -7.71 -15.56
CA TYR A 167 2.93 -7.68 -17.00
C TYR A 167 1.54 -8.07 -17.47
N GLU A 168 0.92 -7.20 -18.25
CA GLU A 168 -0.42 -7.47 -18.80
C GLU A 168 -1.40 -7.84 -17.68
N GLY A 169 -1.28 -7.17 -16.54
CA GLY A 169 -2.21 -7.36 -15.45
C GLY A 169 -1.84 -8.43 -14.44
N TYR A 170 -0.82 -9.22 -14.76
CA TYR A 170 -0.41 -10.32 -13.89
C TYR A 170 0.83 -9.95 -13.12
N ALA A 171 0.73 -9.98 -11.79
CA ALA A 171 1.92 -9.88 -10.96
C ALA A 171 2.79 -11.11 -11.27
N LEU A 172 4.10 -10.93 -11.17
CA LEU A 172 5.05 -12.00 -11.48
C LEU A 172 5.68 -12.44 -10.17
N PRO A 173 5.11 -13.49 -9.53
CA PRO A 173 5.48 -13.73 -8.13
C PRO A 173 6.95 -14.06 -7.89
N HIS A 174 7.61 -14.72 -8.84
CA HIS A 174 9.01 -15.10 -8.65
C HIS A 174 9.92 -13.88 -8.49
N ALA A 175 9.44 -12.72 -8.94
CA ALA A 175 10.25 -11.51 -8.96
C ALA A 175 9.81 -10.49 -7.92
N ILE A 176 8.83 -10.83 -7.11
CA ILE A 176 8.38 -9.92 -6.07
C ILE A 176 9.38 -9.85 -4.93
N MET A 177 9.66 -8.63 -4.47
CA MET A 177 10.52 -8.42 -3.30
C MET A 177 9.72 -7.84 -2.16
N ARG A 178 9.94 -8.37 -0.96
CA ARG A 178 9.34 -7.86 0.27
C ARG A 178 10.41 -7.30 1.20
N LEU A 179 10.16 -6.11 1.75
CA LEU A 179 11.02 -5.50 2.74
C LEU A 179 10.15 -5.06 3.92
N ASP A 180 10.43 -5.53 5.14
N ASP A 180 10.46 -5.58 5.11
CA ASP A 180 9.55 -5.15 6.26
CA ASP A 180 9.77 -5.21 6.33
C ASP A 180 9.53 -3.63 6.54
C ASP A 180 10.42 -3.97 6.94
N LEU A 181 10.58 -2.96 6.08
CA LEU A 181 10.85 -1.60 6.48
C LEU A 181 9.80 -0.73 5.81
N ALA A 182 9.01 -0.01 6.59
CA ALA A 182 7.97 0.86 6.04
C ALA A 182 7.70 2.01 7.03
N GLY A 183 6.54 2.63 6.92
CA GLY A 183 6.29 3.87 7.65
C GLY A 183 6.44 3.79 9.15
N ARG A 184 5.96 2.70 9.75
CA ARG A 184 6.03 2.61 11.19
C ARG A 184 7.48 2.53 11.68
N ASP A 185 8.30 1.79 10.94
CA ASP A 185 9.72 1.71 11.27
C ASP A 185 10.41 3.07 11.09
N LEU A 186 10.00 3.84 10.08
CA LEU A 186 10.54 5.17 9.89
C LEU A 186 10.16 6.09 11.04
N THR A 187 8.93 6.01 11.52
CA THR A 187 8.54 6.79 12.69
C THR A 187 9.40 6.42 13.89
N ASP A 188 9.61 5.13 14.10
CA ASP A 188 10.40 4.68 15.24
C ASP A 188 11.82 5.23 15.14
N TYR A 189 12.36 5.22 13.94
CA TYR A 189 13.71 5.73 13.73
C TYR A 189 13.77 7.24 13.99
N LEU A 190 12.76 7.97 13.53
CA LEU A 190 12.72 9.41 13.80
C LEU A 190 12.66 9.68 15.32
N MET A 191 11.92 8.86 16.06
N MET A 191 11.92 8.87 16.06
CA MET A 191 11.91 8.98 17.51
CA MET A 191 11.90 8.99 17.53
C MET A 191 13.32 8.86 18.05
C MET A 191 13.30 8.83 18.09
N LYS A 192 14.05 7.87 17.54
CA LYS A 192 15.41 7.64 17.98
C LYS A 192 16.34 8.82 17.70
N ILE A 193 16.30 9.35 16.48
CA ILE A 193 17.25 10.41 16.14
C ILE A 193 16.83 11.76 16.70
N LEU A 194 15.55 11.99 16.94
CA LEU A 194 15.14 13.20 17.66
C LEU A 194 15.61 13.16 19.10
N THR A 195 15.60 11.95 19.67
CA THR A 195 16.04 11.76 21.04
C THR A 195 17.51 12.16 21.12
N GLU A 196 18.28 11.83 20.08
N GLU A 196 18.27 11.79 20.08
CA GLU A 196 19.71 12.17 20.11
CA GLU A 196 19.68 12.15 19.98
C GLU A 196 19.97 13.67 19.84
C GLU A 196 19.88 13.66 20.01
N ARG A 197 18.92 14.39 19.46
CA ARG A 197 19.02 15.85 19.36
C ARG A 197 18.55 16.52 20.65
N GLY A 198 18.10 15.72 21.62
N GLY A 198 18.13 15.74 21.63
CA GLY A 198 17.65 16.23 22.90
CA GLY A 198 17.67 16.27 22.90
C GLY A 198 16.19 16.01 23.25
C GLY A 198 16.15 16.32 23.06
N TYR A 199 15.37 15.67 22.25
N TYR A 199 15.44 15.52 22.28
CA TYR A 199 13.91 15.57 22.42
CA TYR A 199 13.97 15.48 22.32
C TYR A 199 13.39 14.15 22.53
C TYR A 199 13.46 14.07 22.53
N SER A 200 13.00 13.77 23.74
CA SER A 200 12.63 12.40 24.11
CA SER A 200 12.64 12.40 24.09
C SER A 200 11.24 11.99 23.63
N PHE A 201 11.20 10.99 22.75
CA PHE A 201 9.95 10.39 22.29
C PHE A 201 10.07 8.88 22.43
N VAL A 202 9.18 8.28 23.23
CA VAL A 202 9.26 6.84 23.47
CA VAL A 202 9.28 6.84 23.51
C VAL A 202 7.91 6.11 23.59
N THR A 203 6.91 6.76 24.18
CA THR A 203 5.63 6.09 24.40
C THR A 203 4.74 6.04 23.18
N THR A 204 3.65 5.28 23.27
CA THR A 204 2.69 5.14 22.17
C THR A 204 2.13 6.47 21.70
N ALA A 205 1.77 7.35 22.64
CA ALA A 205 1.26 8.68 22.27
C ALA A 205 2.35 9.51 21.63
N GLU A 206 3.57 9.40 22.16
CA GLU A 206 4.69 10.14 21.58
C GLU A 206 5.04 9.65 20.19
N ARG A 207 4.86 8.36 19.97
CA ARG A 207 5.08 7.84 18.63
CA ARG A 207 5.01 7.75 18.63
C ARG A 207 4.09 8.46 17.64
N GLU A 208 2.84 8.72 18.07
CA GLU A 208 1.89 9.39 17.19
C GLU A 208 2.29 10.84 16.89
N ILE A 209 2.85 11.52 17.88
CA ILE A 209 3.35 12.86 17.62
C ILE A 209 4.44 12.83 16.57
N VAL A 210 5.37 11.89 16.71
CA VAL A 210 6.47 11.78 15.76
C VAL A 210 5.99 11.34 14.38
N ARG A 211 4.94 10.52 14.31
CA ARG A 211 4.40 10.20 12.99
C ARG A 211 3.91 11.45 12.30
N ASP A 212 3.27 12.34 13.07
CA ASP A 212 2.81 13.60 12.50
C ASP A 212 3.98 14.47 12.02
N ILE A 213 5.04 14.56 12.84
CA ILE A 213 6.25 15.30 12.46
C ILE A 213 6.79 14.76 11.13
N LYS A 214 6.89 13.44 11.04
CA LYS A 214 7.39 12.75 9.87
C LYS A 214 6.58 13.14 8.63
N GLU A 215 5.25 13.05 8.74
CA GLU A 215 4.37 13.32 7.60
C GLU A 215 4.42 14.78 7.17
N LYS A 216 4.61 15.69 8.13
CA LYS A 216 4.61 17.11 7.82
C LYS A 216 5.94 17.67 7.37
N LEU A 217 7.04 17.16 7.92
CA LEU A 217 8.33 17.83 7.79
C LEU A 217 9.42 17.02 7.12
N CYS A 218 9.27 15.70 7.00
CA CYS A 218 10.35 14.91 6.41
C CYS A 218 10.35 14.99 4.90
N TYR A 219 11.50 14.73 4.29
CA TYR A 219 11.63 14.70 2.84
C TYR A 219 12.84 13.86 2.47
N VAL A 220 12.91 13.45 1.21
CA VAL A 220 14.04 12.68 0.72
C VAL A 220 15.01 13.58 -0.03
N ALA A 221 16.27 13.57 0.40
CA ALA A 221 17.32 14.34 -0.26
C ALA A 221 17.65 13.77 -1.63
N LEU A 222 17.95 14.62 -2.59
CA LEU A 222 18.37 14.11 -3.90
C LEU A 222 19.78 13.55 -3.80
N ASP A 223 20.62 14.24 -3.04
CA ASP A 223 22.01 13.88 -2.81
C ASP A 223 22.21 13.96 -1.29
N PHE A 224 22.25 12.81 -0.64
CA PHE A 224 22.23 12.77 0.81
C PHE A 224 23.44 13.47 1.42
N GLU A 225 24.63 13.20 0.89
CA GLU A 225 25.85 13.82 1.42
C GLU A 225 25.83 15.34 1.24
N ASN A 226 25.34 15.81 0.10
CA ASN A 226 25.28 17.24 -0.12
C ASN A 226 24.26 17.87 0.83
N GLU A 227 23.15 17.17 1.06
CA GLU A 227 22.12 17.68 1.95
C GLU A 227 22.62 17.76 3.39
N MET A 228 23.38 16.76 3.80
CA MET A 228 24.00 16.79 5.13
C MET A 228 24.90 18.03 5.26
N ALA A 229 25.65 18.34 4.20
CA ALA A 229 26.53 19.51 4.23
C ALA A 229 25.71 20.81 4.31
N THR A 230 24.61 20.86 3.56
CA THR A 230 23.72 22.02 3.60
C THR A 230 23.16 22.21 5.00
N ALA A 231 22.73 21.13 5.62
CA ALA A 231 22.19 21.21 6.97
C ALA A 231 23.22 21.65 8.00
N ALA A 232 24.48 21.38 7.72
CA ALA A 232 25.55 21.78 8.63
C ALA A 232 26.01 23.21 8.42
N SER A 233 25.75 23.78 7.24
CA SER A 233 26.31 25.09 6.91
CA SER A 233 26.29 25.08 6.89
C SER A 233 25.48 26.27 7.42
N SER A 234 24.20 26.04 7.69
CA SER A 234 23.35 27.08 8.27
C SER A 234 22.08 26.43 8.76
N SER A 235 21.17 27.23 9.27
CA SER A 235 19.88 26.73 9.73
C SER A 235 18.81 26.71 8.65
N SER A 236 19.20 26.82 7.38
CA SER A 236 18.22 26.96 6.29
C SER A 236 17.19 25.82 6.19
N LEU A 237 17.57 24.62 6.61
CA LEU A 237 16.69 23.47 6.50
C LEU A 237 15.94 23.18 7.79
N GLU A 238 16.19 23.97 8.82
CA GLU A 238 15.56 23.71 10.11
C GLU A 238 14.09 24.12 10.13
N LYS A 239 13.29 23.33 10.84
CA LYS A 239 11.87 23.59 10.99
C LYS A 239 11.50 23.51 12.46
N SER A 240 10.55 24.34 12.86
CA SER A 240 10.01 24.25 14.21
C SER A 240 8.69 23.49 14.21
N TYR A 241 8.44 22.76 15.29
CA TYR A 241 7.23 21.97 15.43
C TYR A 241 6.74 22.06 16.86
N GLU A 242 5.46 22.39 17.03
CA GLU A 242 4.89 22.53 18.36
C GLU A 242 4.23 21.22 18.82
N LEU A 243 4.69 20.73 19.97
CA LEU A 243 4.13 19.55 20.63
C LEU A 243 2.79 19.87 21.28
N PRO A 244 2.01 18.83 21.63
CA PRO A 244 0.70 19.05 22.28
C PRO A 244 0.75 19.91 23.54
N ASP A 245 1.86 19.91 24.27
CA ASP A 245 1.94 20.69 25.51
C ASP A 245 2.45 22.11 25.28
N GLY A 246 2.72 22.45 24.02
CA GLY A 246 3.16 23.78 23.69
C GLY A 246 4.66 23.94 23.52
N GLN A 247 5.43 22.93 23.90
CA GLN A 247 6.86 22.97 23.66
C GLN A 247 7.14 22.97 22.17
N VAL A 248 8.10 23.77 21.74
CA VAL A 248 8.47 23.82 20.34
C VAL A 248 9.85 23.24 20.14
N ILE A 249 9.95 22.23 19.27
CA ILE A 249 11.21 21.59 19.00
C ILE A 249 11.70 21.97 17.62
N THR A 250 13.00 21.79 17.40
N THR A 250 13.00 21.82 17.37
CA THR A 250 13.63 22.05 16.12
CA THR A 250 13.54 22.16 16.05
C THR A 250 13.99 20.74 15.45
C THR A 250 14.19 20.95 15.37
N ILE A 251 13.73 20.66 14.15
CA ILE A 251 14.17 19.50 13.39
C ILE A 251 15.05 20.00 12.26
N GLY A 252 16.19 19.35 12.07
CA GLY A 252 17.13 19.74 11.04
C GLY A 252 17.39 18.61 10.08
N ASN A 253 18.59 18.03 10.12
CA ASN A 253 18.90 16.95 9.19
C ASN A 253 18.06 15.71 9.41
N GLU A 254 17.40 15.61 10.57
CA GLU A 254 16.46 14.51 10.81
C GLU A 254 15.35 14.50 9.78
N ARG A 255 15.02 15.66 9.22
CA ARG A 255 14.00 15.74 8.17
C ARG A 255 14.26 14.75 7.03
N PHE A 256 15.51 14.64 6.60
CA PHE A 256 15.83 13.77 5.48
C PHE A 256 16.59 12.52 5.87
N ARG A 257 17.22 12.50 7.05
CA ARG A 257 17.84 11.27 7.52
C ARG A 257 16.81 10.18 7.79
N CYS A 258 15.64 10.56 8.27
CA CYS A 258 14.59 9.57 8.54
C CYS A 258 14.25 8.74 7.28
N PRO A 259 13.78 9.38 6.18
CA PRO A 259 13.43 8.53 5.02
C PRO A 259 14.67 8.09 4.23
N GLU A 260 15.85 8.63 4.52
CA GLU A 260 17.04 8.11 3.88
C GLU A 260 17.18 6.62 4.14
N THR A 261 16.61 6.17 5.26
CA THR A 261 16.63 4.77 5.67
C THR A 261 16.06 3.84 4.59
N LEU A 262 15.11 4.34 3.81
CA LEU A 262 14.53 3.55 2.72
C LEU A 262 15.61 3.19 1.71
N PHE A 263 16.57 4.09 1.52
CA PHE A 263 17.65 3.88 0.56
C PHE A 263 18.86 3.26 1.22
N GLN A 264 19.01 3.48 2.53
CA GLN A 264 20.10 2.92 3.30
C GLN A 264 19.57 2.24 4.56
N PRO A 265 19.02 1.01 4.42
CA PRO A 265 18.43 0.31 5.56
C PRO A 265 19.43 0.04 6.70
N SER A 266 20.73 0.17 6.42
CA SER A 266 21.73 0.04 7.47
C SER A 266 21.53 1.07 8.58
N PHE A 267 20.84 2.17 8.29
CA PHE A 267 20.56 3.18 9.32
C PHE A 267 19.83 2.59 10.52
N ILE A 268 19.04 1.53 10.30
CA ILE A 268 18.37 0.84 11.39
C ILE A 268 18.87 -0.59 11.58
N GLY A 269 20.04 -0.89 11.04
CA GLY A 269 20.68 -2.16 11.28
C GLY A 269 20.19 -3.30 10.40
N MET A 270 19.45 -2.97 9.35
CA MET A 270 19.00 -3.98 8.39
C MET A 270 20.06 -4.21 7.32
N GLU A 271 20.20 -5.47 6.90
CA GLU A 271 21.22 -5.83 5.93
C GLU A 271 20.72 -5.69 4.50
N SER A 272 19.42 -5.45 4.35
CA SER A 272 18.81 -5.35 3.04
C SER A 272 19.33 -4.19 2.21
N ALA A 273 19.33 -4.36 0.90
CA ALA A 273 19.56 -3.25 0.00
C ALA A 273 18.38 -2.29 0.10
N GLY A 274 18.59 -1.05 -0.31
CA GLY A 274 17.54 -0.04 -0.26
C GLY A 274 16.54 -0.23 -1.36
N ILE A 275 15.49 0.58 -1.34
CA ILE A 275 14.36 0.41 -2.25
C ILE A 275 14.71 0.58 -3.73
N HIS A 276 15.77 1.33 -4.03
CA HIS A 276 16.19 1.47 -5.43
C HIS A 276 16.83 0.17 -5.91
N GLU A 277 17.62 -0.45 -5.03
CA GLU A 277 18.27 -1.71 -5.38
C GLU A 277 17.29 -2.87 -5.43
N THR A 278 16.30 -2.88 -4.55
CA THR A 278 15.31 -3.94 -4.61
C THR A 278 14.46 -3.79 -5.86
N THR A 279 14.22 -2.56 -6.29
CA THR A 279 13.52 -2.31 -7.56
C THR A 279 14.32 -2.94 -8.70
N TYR A 280 15.60 -2.60 -8.75
CA TYR A 280 16.51 -3.19 -9.72
C TYR A 280 16.54 -4.72 -9.65
N ASN A 281 16.65 -5.28 -8.45
CA ASN A 281 16.70 -6.74 -8.31
C ASN A 281 15.44 -7.40 -8.85
N SER A 282 14.29 -6.80 -8.57
CA SER A 282 13.02 -7.31 -9.04
CA SER A 282 12.99 -7.27 -9.06
C SER A 282 12.97 -7.31 -10.57
N ILE A 283 13.36 -6.20 -11.18
CA ILE A 283 13.40 -6.10 -12.64
C ILE A 283 14.30 -7.18 -13.23
N MET A 284 15.44 -7.41 -12.61
CA MET A 284 16.41 -8.36 -13.15
C MET A 284 15.98 -9.82 -13.00
N LYS A 285 15.00 -10.06 -12.14
CA LYS A 285 14.41 -11.39 -12.03
C LYS A 285 13.37 -11.65 -13.12
N CYS A 286 13.02 -10.62 -13.88
CA CYS A 286 12.07 -10.77 -14.99
C CYS A 286 12.79 -10.90 -16.32
N ASP A 287 12.11 -11.52 -17.28
CA ASP A 287 12.70 -11.73 -18.59
C ASP A 287 13.15 -10.42 -19.22
N ILE A 288 14.29 -10.46 -19.92
CA ILE A 288 14.82 -9.25 -20.54
C ILE A 288 13.86 -8.64 -21.57
N ASP A 289 12.98 -9.46 -22.14
CA ASP A 289 12.02 -8.96 -23.14
C ASP A 289 11.05 -7.92 -22.58
N ILE A 290 10.82 -7.91 -21.28
CA ILE A 290 9.89 -6.93 -20.71
C ILE A 290 10.60 -5.83 -19.93
N ARG A 291 11.93 -5.86 -19.97
N ARG A 291 11.92 -5.82 -19.98
CA ARG A 291 12.74 -4.96 -19.17
CA ARG A 291 12.65 -4.92 -19.10
C ARG A 291 12.46 -3.48 -19.45
C ARG A 291 12.54 -3.44 -19.43
N LYS A 292 12.47 -3.11 -20.72
CA LYS A 292 12.24 -1.73 -21.10
C LYS A 292 10.89 -1.27 -20.57
N ASP A 293 9.89 -2.16 -20.63
CA ASP A 293 8.55 -1.83 -20.16
C ASP A 293 8.52 -1.56 -18.66
N LEU A 294 9.28 -2.32 -17.89
CA LEU A 294 9.31 -2.12 -16.46
C LEU A 294 10.02 -0.80 -16.11
N TYR A 295 11.19 -0.57 -16.69
CA TYR A 295 11.94 0.64 -16.41
C TYR A 295 11.17 1.91 -16.78
N ALA A 296 10.36 1.83 -17.84
CA ALA A 296 9.59 2.97 -18.33
C ALA A 296 8.27 3.16 -17.58
N ASN A 297 8.01 2.30 -16.61
CA ASN A 297 6.74 2.36 -15.89
C ASN A 297 6.91 1.99 -14.42
N ASN A 298 7.76 2.73 -13.71
CA ASN A 298 7.95 2.51 -12.29
CA ASN A 298 7.98 2.56 -12.27
C ASN A 298 6.96 3.36 -11.48
N VAL A 299 5.97 2.69 -10.91
CA VAL A 299 4.92 3.38 -10.17
C VAL A 299 5.19 3.33 -8.67
N MET A 300 5.12 4.48 -8.02
CA MET A 300 5.23 4.54 -6.58
CA MET A 300 5.25 4.62 -6.56
C MET A 300 3.87 4.73 -5.95
N SER A 301 3.61 3.97 -4.90
CA SER A 301 2.31 4.01 -4.24
CA SER A 301 2.31 3.98 -4.24
CA SER A 301 2.31 4.01 -4.24
C SER A 301 2.46 3.79 -2.74
N GLY A 302 1.50 4.29 -1.99
CA GLY A 302 1.48 4.07 -0.56
C GLY A 302 1.91 5.32 0.18
N GLY A 303 1.54 5.40 1.45
CA GLY A 303 1.82 6.58 2.25
C GLY A 303 3.29 6.89 2.42
N THR A 304 4.12 5.86 2.46
CA THR A 304 5.55 6.05 2.68
C THR A 304 6.28 6.49 1.42
N THR A 305 5.56 6.57 0.30
CA THR A 305 6.10 7.20 -0.89
C THR A 305 5.73 8.68 -1.00
N MET A 306 5.10 9.25 0.02
CA MET A 306 4.64 10.63 -0.05
C MET A 306 5.71 11.68 0.19
N TYR A 307 6.91 11.28 0.64
CA TYR A 307 7.98 12.24 0.91
C TYR A 307 8.29 13.11 -0.29
N PRO A 308 8.28 14.44 -0.09
CA PRO A 308 8.80 15.30 -1.17
C PRO A 308 10.20 14.86 -1.53
N GLY A 309 10.50 14.85 -2.82
CA GLY A 309 11.83 14.49 -3.30
C GLY A 309 12.02 13.01 -3.61
N ILE A 310 11.11 12.14 -3.20
CA ILE A 310 11.41 10.72 -3.34
C ILE A 310 11.37 10.26 -4.80
N ALA A 311 10.49 10.86 -5.61
CA ALA A 311 10.41 10.47 -7.01
C ALA A 311 11.69 10.87 -7.76
N ASP A 312 12.18 12.07 -7.50
CA ASP A 312 13.43 12.50 -8.11
C ASP A 312 14.62 11.67 -7.64
N ARG A 313 14.62 11.30 -6.36
CA ARG A 313 15.68 10.44 -5.86
C ARG A 313 15.63 9.07 -6.51
N MET A 314 14.43 8.51 -6.65
CA MET A 314 14.32 7.22 -7.32
CA MET A 314 14.29 7.23 -7.34
C MET A 314 14.74 7.31 -8.79
N GLN A 315 14.36 8.39 -9.48
CA GLN A 315 14.76 8.57 -10.86
CA GLN A 315 14.77 8.59 -10.86
C GLN A 315 16.30 8.52 -10.96
N LYS A 316 16.96 9.23 -10.06
CA LYS A 316 18.43 9.29 -10.07
C LYS A 316 19.02 7.92 -9.75
N GLU A 317 18.50 7.23 -8.73
CA GLU A 317 19.11 5.97 -8.34
C GLU A 317 18.88 4.88 -9.37
N ILE A 318 17.67 4.82 -9.93
CA ILE A 318 17.38 3.84 -10.97
C ILE A 318 18.22 4.10 -12.21
N THR A 319 18.37 5.37 -12.56
CA THR A 319 19.23 5.74 -13.68
C THR A 319 20.66 5.22 -13.49
N ALA A 320 21.16 5.30 -12.27
CA ALA A 320 22.52 4.84 -11.98
C ALA A 320 22.66 3.31 -12.09
N LEU A 321 21.58 2.57 -11.83
CA LEU A 321 21.61 1.11 -11.87
C LEU A 321 21.33 0.54 -13.26
N ALA A 322 20.47 1.22 -14.02
CA ALA A 322 19.99 0.75 -15.32
C ALA A 322 21.04 0.95 -16.39
N PRO A 323 20.89 0.28 -17.54
CA PRO A 323 21.81 0.54 -18.65
C PRO A 323 21.80 2.01 -19.03
N SER A 324 22.94 2.52 -19.51
CA SER A 324 23.10 3.95 -19.79
CA SER A 324 23.11 3.94 -19.79
C SER A 324 22.02 4.53 -20.69
N THR A 325 21.57 3.75 -21.67
CA THR A 325 20.59 4.24 -22.63
C THR A 325 19.13 3.92 -22.29
N MET A 326 18.90 3.28 -21.14
CA MET A 326 17.55 2.86 -20.79
C MET A 326 16.62 4.04 -20.50
N LYS A 327 15.43 3.99 -21.05
CA LYS A 327 14.43 5.00 -20.75
C LYS A 327 13.78 4.68 -19.41
N ILE A 328 13.86 5.62 -18.48
CA ILE A 328 13.35 5.47 -17.12
CA ILE A 328 13.29 5.44 -17.16
C ILE A 328 12.22 6.46 -16.89
N LYS A 329 11.10 6.00 -16.33
CA LYS A 329 10.04 6.92 -15.93
C LYS A 329 9.52 6.54 -14.56
N ILE A 330 9.46 7.51 -13.66
CA ILE A 330 8.90 7.30 -12.32
C ILE A 330 7.54 7.94 -12.32
N ILE A 331 6.53 7.14 -11.98
CA ILE A 331 5.16 7.60 -11.91
C ILE A 331 4.80 7.68 -10.44
N ALA A 332 4.44 8.86 -9.97
CA ALA A 332 4.18 9.08 -8.56
C ALA A 332 3.17 10.20 -8.45
N PRO A 333 1.89 9.85 -8.63
CA PRO A 333 0.86 10.89 -8.69
C PRO A 333 0.58 11.50 -7.34
N PRO A 334 -0.02 12.69 -7.32
CA PRO A 334 -0.31 13.34 -6.05
C PRO A 334 -1.24 12.50 -5.19
N GLU A 335 -2.10 11.70 -5.81
CA GLU A 335 -3.07 10.87 -5.10
C GLU A 335 -2.51 9.51 -4.65
N ARG A 336 -1.20 9.33 -4.72
CA ARG A 336 -0.62 7.99 -4.50
C ARG A 336 -0.76 7.35 -3.12
N LYS A 337 -1.11 8.13 -2.11
N LYS A 337 -1.03 8.15 -2.08
CA LYS A 337 -1.39 7.58 -0.77
CA LYS A 337 -1.12 7.54 -0.76
C LYS A 337 -2.65 6.71 -0.75
C LYS A 337 -2.16 6.43 -0.79
N TYR A 338 -3.50 6.91 -1.75
N TYR A 338 -3.28 6.67 -1.46
CA TYR A 338 -4.73 6.15 -1.85
CA TYR A 338 -4.35 5.68 -1.55
C TYR A 338 -4.78 5.39 -3.14
C TYR A 338 -4.68 5.28 -2.99
N SER A 339 -3.67 5.24 -3.86
CA SER A 339 -3.84 4.70 -5.21
CA SER A 339 -3.77 4.67 -5.21
C SER A 339 -4.24 3.22 -5.23
N VAL A 340 -3.90 2.47 -4.18
CA VAL A 340 -4.39 1.09 -4.09
C VAL A 340 -5.93 1.13 -4.09
N TRP A 341 -6.50 1.93 -3.18
CA TRP A 341 -7.94 2.00 -3.08
C TRP A 341 -8.52 2.50 -4.39
N ILE A 342 -7.92 3.55 -4.94
CA ILE A 342 -8.46 4.15 -6.17
C ILE A 342 -8.43 3.16 -7.35
N GLY A 343 -7.35 2.40 -7.48
CA GLY A 343 -7.28 1.35 -8.48
C GLY A 343 -8.37 0.31 -8.28
N GLY A 344 -8.66 -0.05 -7.03
CA GLY A 344 -9.76 -0.95 -6.74
C GLY A 344 -11.10 -0.37 -7.14
N SER A 345 -11.29 0.92 -6.87
CA SER A 345 -12.52 1.62 -7.26
C SER A 345 -12.72 1.63 -8.77
N ILE A 346 -11.65 1.88 -9.50
CA ILE A 346 -11.69 1.82 -10.95
C ILE A 346 -12.02 0.40 -11.43
N LEU A 347 -11.26 -0.58 -10.96
CA LEU A 347 -11.42 -1.95 -11.46
C LEU A 347 -12.83 -2.48 -11.19
N ALA A 348 -13.30 -2.29 -9.98
CA ALA A 348 -14.58 -2.84 -9.57
C ALA A 348 -15.76 -2.14 -10.23
N SER A 349 -15.53 -0.99 -10.84
CA SER A 349 -16.61 -0.32 -11.54
C SER A 349 -16.58 -0.49 -13.05
N LEU A 350 -15.60 -1.22 -13.58
CA LEU A 350 -15.55 -1.47 -15.04
C LEU A 350 -16.60 -2.49 -15.46
N SER A 351 -17.28 -2.24 -16.57
CA SER A 351 -18.31 -3.18 -17.00
C SER A 351 -17.70 -4.56 -17.30
N THR A 352 -16.49 -4.58 -17.84
CA THR A 352 -15.87 -5.85 -18.24
C THR A 352 -15.29 -6.63 -17.05
N PHE A 353 -15.25 -6.01 -15.88
CA PHE A 353 -14.85 -6.72 -14.68
C PHE A 353 -15.98 -7.52 -14.04
N GLN A 354 -17.23 -7.22 -14.38
CA GLN A 354 -18.35 -7.80 -13.64
C GLN A 354 -18.38 -9.34 -13.77
N GLN A 355 -17.92 -9.86 -14.89
CA GLN A 355 -17.84 -11.30 -15.11
C GLN A 355 -16.75 -11.95 -14.26
N MET A 356 -15.89 -11.13 -13.64
CA MET A 356 -14.73 -11.65 -12.93
C MET A 356 -14.95 -11.91 -11.45
N TRP A 357 -15.98 -11.30 -10.87
CA TRP A 357 -16.26 -11.55 -9.45
C TRP A 357 -16.48 -13.04 -9.20
N ILE A 358 -16.06 -13.51 -8.05
CA ILE A 358 -16.55 -14.79 -7.54
C ILE A 358 -17.98 -14.55 -7.07
N THR A 359 -18.94 -15.27 -7.62
CA THR A 359 -20.33 -15.09 -7.21
C THR A 359 -20.66 -15.98 -6.01
N LYS A 360 -21.70 -15.63 -5.26
CA LYS A 360 -22.21 -16.44 -4.17
CA LYS A 360 -22.08 -16.48 -4.16
C LYS A 360 -22.51 -17.86 -4.64
N GLN A 361 -23.06 -17.95 -5.85
CA GLN A 361 -23.42 -19.24 -6.42
C GLN A 361 -22.17 -20.09 -6.71
N GLU A 362 -21.12 -19.48 -7.23
CA GLU A 362 -19.87 -20.18 -7.48
C GLU A 362 -19.23 -20.64 -6.19
N TYR A 363 -19.27 -19.77 -5.18
CA TYR A 363 -18.74 -20.11 -3.86
C TYR A 363 -19.53 -21.29 -3.27
N ASP A 364 -20.86 -21.25 -3.39
CA ASP A 364 -21.67 -22.32 -2.82
CA ASP A 364 -21.68 -22.32 -2.83
C ASP A 364 -21.24 -23.67 -3.38
N GLU A 365 -20.92 -23.71 -4.67
CA GLU A 365 -20.51 -24.95 -5.32
C GLU A 365 -19.07 -25.38 -4.98
N ALA A 366 -18.15 -24.42 -4.93
CA ALA A 366 -16.73 -24.75 -4.92
C ALA A 366 -16.04 -24.53 -3.58
N GLY A 367 -16.60 -23.67 -2.74
CA GLY A 367 -15.95 -23.33 -1.48
C GLY A 367 -14.81 -22.36 -1.65
N PRO A 368 -14.08 -22.07 -0.56
CA PRO A 368 -13.05 -21.03 -0.51
C PRO A 368 -11.95 -21.15 -1.57
N SER A 369 -11.59 -22.35 -1.96
CA SER A 369 -10.47 -22.54 -2.89
C SER A 369 -10.74 -21.99 -4.29
N ILE A 370 -11.99 -21.62 -4.56
CA ILE A 370 -12.31 -21.01 -5.84
C ILE A 370 -11.52 -19.71 -6.05
N VAL A 371 -11.06 -19.09 -4.97
CA VAL A 371 -10.30 -17.85 -5.08
C VAL A 371 -9.03 -18.00 -5.93
N HIS A 372 -8.43 -19.18 -5.93
CA HIS A 372 -7.19 -19.36 -6.69
C HIS A 372 -7.42 -19.45 -8.19
N ARG A 373 -8.60 -19.87 -8.62
CA ARG A 373 -8.85 -19.92 -10.05
C ARG A 373 -9.53 -18.66 -10.58
N LYS A 374 -10.03 -17.80 -9.68
CA LYS A 374 -10.72 -16.59 -10.10
C LYS A 374 -9.91 -15.31 -9.88
N CYS A 375 -9.05 -15.30 -8.86
CA CYS A 375 -8.37 -14.06 -8.48
C CYS A 375 -6.87 -14.18 -8.57
N PHE A 376 -6.30 -13.59 -9.63
CA PHE A 376 -4.85 -13.50 -9.79
C PHE A 376 -4.49 -12.45 -10.84
N LYS B 1 -10.42 12.71 -16.32
CA LYS B 1 -10.56 11.93 -15.09
C LYS B 1 -10.97 10.46 -15.31
N ARG B 2 -11.63 10.17 -16.43
CA ARG B 2 -12.09 8.81 -16.69
CA ARG B 2 -12.10 8.81 -16.70
C ARG B 2 -11.38 8.16 -17.87
N GLU B 3 -10.39 8.85 -18.43
CA GLU B 3 -9.58 8.31 -19.51
C GLU B 3 -8.94 7.01 -19.07
N ILE B 4 -8.53 6.97 -17.80
CA ILE B 4 -7.89 5.80 -17.21
C ILE B 4 -8.77 4.55 -17.35
N LYS B 5 -10.07 4.71 -17.12
CA LYS B 5 -11.00 3.59 -17.26
C LYS B 5 -11.09 3.06 -18.68
N ARG B 6 -11.14 3.97 -19.65
CA ARG B 6 -11.13 3.58 -21.06
CA ARG B 6 -11.13 3.56 -21.05
C ARG B 6 -9.84 2.82 -21.41
N ARG B 7 -8.70 3.36 -20.96
CA ARG B 7 -7.42 2.74 -21.24
CA ARG B 7 -7.41 2.74 -21.25
C ARG B 7 -7.30 1.36 -20.63
N LEU B 8 -7.70 1.25 -19.36
CA LEU B 8 -7.62 -0.02 -18.66
CA LEU B 8 -7.63 -0.03 -18.66
C LEU B 8 -8.52 -1.07 -19.32
N THR B 9 -9.73 -0.65 -19.70
CA THR B 9 -10.68 -1.55 -20.34
C THR B 9 -10.06 -2.13 -21.61
N ARG B 10 -9.49 -1.25 -22.43
CA ARG B 10 -8.88 -1.66 -23.69
CA ARG B 10 -8.88 -1.68 -23.69
C ARG B 10 -7.70 -2.61 -23.45
N LYS B 11 -6.79 -2.20 -22.57
CA LYS B 11 -5.60 -3.01 -22.28
C LYS B 11 -5.96 -4.39 -21.72
N LEU B 12 -6.91 -4.43 -20.80
CA LEU B 12 -7.32 -5.71 -20.24
C LEU B 12 -7.99 -6.59 -21.29
N SER B 13 -8.69 -5.99 -22.24
CA SER B 13 -9.38 -6.76 -23.28
C SER B 13 -8.40 -7.34 -24.29
N GLN B 14 -7.21 -6.76 -24.37
CA GLN B 14 -6.22 -7.16 -25.36
C GLN B 14 -5.12 -8.05 -24.80
N ARG B 15 -5.20 -8.37 -23.51
CA ARG B 15 -4.11 -9.08 -22.84
C ARG B 15 -3.92 -10.48 -23.42
N PRO B 16 -2.67 -10.96 -23.49
CA PRO B 16 -2.40 -12.34 -23.90
C PRO B 16 -2.84 -13.31 -22.81
N THR B 17 -2.85 -14.60 -23.15
CA THR B 17 -3.22 -15.61 -22.19
C THR B 17 -2.06 -15.89 -21.23
N VAL B 18 -2.40 -16.50 -20.09
CA VAL B 18 -1.40 -16.96 -19.15
C VAL B 18 -0.44 -17.95 -19.83
N GLU B 19 -1.01 -18.82 -20.66
CA GLU B 19 -0.22 -19.79 -21.42
C GLU B 19 0.85 -19.10 -22.26
N GLU B 20 0.47 -18.02 -22.95
CA GLU B 20 1.44 -17.27 -23.75
C GLU B 20 2.54 -16.68 -22.88
N LEU B 21 2.15 -16.08 -21.75
CA LEU B 21 3.12 -15.48 -20.85
C LEU B 21 4.06 -16.52 -20.25
N ARG B 22 3.56 -17.72 -20.01
CA ARG B 22 4.43 -18.79 -19.51
C ARG B 22 5.40 -19.26 -20.60
N GLU B 23 4.91 -19.41 -21.82
CA GLU B 23 5.75 -19.80 -22.95
C GLU B 23 6.85 -18.77 -23.19
N ARG B 24 6.56 -17.50 -22.92
CA ARG B 24 7.56 -16.44 -23.10
C ARG B 24 8.47 -16.27 -21.89
N LYS B 25 8.27 -17.12 -20.87
CA LYS B 25 9.08 -17.11 -19.66
C LYS B 25 8.95 -15.80 -18.91
N ILE B 26 7.79 -15.18 -19.04
CA ILE B 26 7.47 -13.97 -18.29
C ILE B 26 6.86 -14.35 -16.95
N LEU B 27 5.81 -15.16 -16.99
CA LEU B 27 5.38 -15.88 -15.80
C LEU B 27 6.25 -17.12 -15.73
N ILE B 28 6.78 -17.40 -14.54
CA ILE B 28 7.61 -18.57 -14.32
C ILE B 28 7.15 -19.26 -13.05
N ARG B 29 6.40 -20.35 -13.21
CA ARG B 29 5.82 -21.02 -12.06
C ARG B 29 6.85 -21.80 -11.27
N PHE B 30 7.84 -22.36 -11.96
CA PHE B 30 8.88 -23.15 -11.30
C PHE B 30 10.28 -22.76 -11.77
#